data_1T93
#
_entry.id   1T93
#
_cell.length_a   54.800
_cell.length_b   70.742
_cell.length_c   102.576
_cell.angle_alpha   90.00
_cell.angle_beta   90.00
_cell.angle_gamma   90.00
#
_symmetry.space_group_name_H-M   'P 21 21 21'
#
loop_
_entity.id
_entity.type
_entity.pdbx_description
1 polymer 'putative cytochrome P450'
2 non-polymer 'PROTOPORPHYRIN IX CONTAINING FE'
3 non-polymer FLAVIOLIN
4 water water
#
_entity_poly.entity_id   1
_entity_poly.type   'polypeptide(L)'
_entity_poly.pdbx_seq_one_letter_code
;MTEETISQAVPPVRDWPAVDLPGSDFDPVLTELMREGPVTRISLPNGEGWAWLVTRHDDVRLVTNDPRFGREAVMDRQVT
RLAPHFIPARGAVGFLDPPDHTRLRRSVAAAFTARGVERVRERSRGMLDELVDAMLRAGPPADLTEAVLSPFPIAVICEL
MGVPATDRHSMHTWTQLILSSSHGAEVSERAKNEMNAYFSDLIGLRSDSAGEDVTSLLGAAVGRDEITLSEAVGLAVLLQ
IGGEAVTNNSGQMFHLLLSRPELAERLRSEPEIRPRAIDELLRWIPHRNAVGLSRIALEDVEIKGVRIRAGDAVYVSYLA
ANRDPEVFPDPDRIDFERSPNPHVSFGFGPHYCPGGMLARLESELLVDAVLDRVPGLKLAVAPEDVPFKKGALIRGPEAL
PVTWAA
;
_entity_poly.pdbx_strand_id   A
#
loop_
_chem_comp.id
_chem_comp.type
_chem_comp.name
_chem_comp.formula
FLV non-polymer FLAVIOLIN 'C10 H6 O5'
HEM non-polymer 'PROTOPORPHYRIN IX CONTAINING FE' 'C34 H32 Fe N4 O4'
#
# COMPACT_ATOMS: atom_id res chain seq x y z
N GLU A 4 -28.00 -26.72 -27.28
CA GLU A 4 -27.27 -25.51 -26.81
C GLU A 4 -25.84 -25.85 -26.43
N THR A 5 -24.95 -25.84 -27.42
CA THR A 5 -23.53 -26.15 -27.24
C THR A 5 -22.95 -25.96 -25.86
N ILE A 6 -22.09 -26.89 -25.46
CA ILE A 6 -21.42 -26.84 -24.16
C ILE A 6 -20.13 -26.02 -24.35
N SER A 7 -20.07 -24.88 -23.67
CA SER A 7 -18.92 -23.98 -23.78
C SER A 7 -17.88 -24.17 -22.69
N GLN A 8 -17.34 -23.05 -22.22
CA GLN A 8 -16.31 -23.09 -21.19
C GLN A 8 -16.41 -21.98 -20.14
N ALA A 9 -15.94 -22.32 -18.94
CA ALA A 9 -15.92 -21.40 -17.81
C ALA A 9 -14.90 -22.04 -16.88
N VAL A 10 -13.99 -22.80 -17.48
CA VAL A 10 -12.96 -23.51 -16.74
C VAL A 10 -11.55 -23.02 -17.02
N PRO A 11 -11.26 -21.75 -16.71
CA PRO A 11 -9.89 -21.32 -16.99
C PRO A 11 -8.96 -22.16 -16.12
N PRO A 12 -7.94 -22.79 -16.73
CA PRO A 12 -7.03 -23.61 -15.93
C PRO A 12 -6.32 -22.77 -14.87
N VAL A 13 -5.80 -23.44 -13.85
CA VAL A 13 -5.06 -22.76 -12.78
C VAL A 13 -3.70 -22.38 -13.33
N ARG A 14 -3.37 -21.09 -13.31
CA ARG A 14 -2.10 -20.62 -13.83
C ARG A 14 -1.13 -20.25 -12.72
N ASP A 15 0.05 -20.85 -12.75
CA ASP A 15 1.09 -20.60 -11.76
C ASP A 15 1.63 -19.18 -11.85
N TRP A 16 1.77 -18.54 -10.69
CA TRP A 16 2.27 -17.17 -10.62
C TRP A 16 3.48 -17.19 -9.71
N PRO A 17 4.63 -17.65 -10.22
CA PRO A 17 5.87 -17.72 -9.44
C PRO A 17 6.37 -16.37 -8.93
N ALA A 18 7.17 -16.41 -7.88
CA ALA A 18 7.73 -15.19 -7.33
C ALA A 18 8.81 -14.71 -8.30
N VAL A 19 8.60 -13.53 -8.86
CA VAL A 19 9.55 -12.96 -9.80
C VAL A 19 9.80 -11.49 -9.51
N ASP A 20 11.07 -11.11 -9.40
CA ASP A 20 11.41 -9.72 -9.14
C ASP A 20 11.43 -8.99 -10.47
N LEU A 21 10.53 -8.02 -10.62
CA LEU A 21 10.42 -7.23 -11.85
C LEU A 21 11.31 -5.99 -11.85
N PRO A 22 11.69 -5.52 -13.05
CA PRO A 22 12.53 -4.34 -13.25
C PRO A 22 11.75 -3.04 -13.08
N GLY A 23 12.36 -2.08 -12.38
CA GLY A 23 11.72 -0.80 -12.16
C GLY A 23 10.22 -0.86 -11.90
N SER A 24 9.45 -0.16 -12.73
CA SER A 24 8.00 -0.14 -12.58
C SER A 24 7.30 -0.88 -13.73
N ASP A 25 8.03 -1.75 -14.41
CA ASP A 25 7.42 -2.49 -15.51
C ASP A 25 6.29 -3.37 -14.98
N PHE A 26 5.22 -3.48 -15.77
CA PHE A 26 4.05 -4.27 -15.39
C PHE A 26 4.36 -5.77 -15.41
N ASP A 27 3.70 -6.52 -14.54
CA ASP A 27 3.90 -7.96 -14.44
C ASP A 27 3.37 -8.69 -15.66
N PRO A 28 4.26 -9.30 -16.47
CA PRO A 28 3.87 -10.03 -17.69
C PRO A 28 2.75 -11.04 -17.43
N VAL A 29 2.84 -11.76 -16.32
CA VAL A 29 1.84 -12.77 -15.98
C VAL A 29 0.46 -12.19 -15.69
N LEU A 30 0.42 -11.03 -15.05
CA LEU A 30 -0.86 -10.40 -14.74
C LEU A 30 -1.51 -9.96 -16.05
N THR A 31 -0.69 -9.46 -16.97
CA THR A 31 -1.21 -9.03 -18.28
C THR A 31 -1.93 -10.23 -18.90
N GLU A 32 -1.29 -11.39 -18.87
CA GLU A 32 -1.87 -12.61 -19.42
C GLU A 32 -3.22 -12.94 -18.80
N LEU A 33 -3.25 -12.96 -17.47
CA LEU A 33 -4.47 -13.28 -16.74
C LEU A 33 -5.59 -12.30 -17.06
N MET A 34 -5.24 -11.02 -17.19
CA MET A 34 -6.22 -9.99 -17.50
C MET A 34 -6.94 -10.27 -18.81
N ARG A 35 -6.16 -10.51 -19.86
CA ARG A 35 -6.74 -10.77 -21.17
C ARG A 35 -7.46 -12.12 -21.26
N GLU A 36 -7.02 -13.09 -20.46
CA GLU A 36 -7.65 -14.41 -20.48
C GLU A 36 -9.15 -14.26 -20.21
N GLY A 37 -9.49 -13.49 -19.18
CA GLY A 37 -10.89 -13.29 -18.84
C GLY A 37 -11.09 -12.53 -17.54
N PRO A 38 -12.32 -12.08 -17.26
CA PRO A 38 -12.62 -11.34 -16.03
C PRO A 38 -12.38 -12.18 -14.78
N VAL A 39 -12.60 -13.49 -14.89
CA VAL A 39 -12.38 -14.37 -13.75
C VAL A 39 -11.39 -15.45 -14.13
N THR A 40 -10.29 -15.50 -13.39
CA THR A 40 -9.26 -16.50 -13.65
C THR A 40 -8.91 -17.22 -12.36
N ARG A 41 -8.03 -18.22 -12.47
CA ARG A 41 -7.59 -18.99 -11.32
C ARG A 41 -6.08 -18.93 -11.24
N ILE A 42 -5.56 -18.76 -10.03
CA ILE A 42 -4.12 -18.64 -9.84
C ILE A 42 -3.56 -19.51 -8.73
N SER A 43 -2.26 -19.79 -8.83
CA SER A 43 -1.54 -20.57 -7.85
C SER A 43 -0.32 -19.72 -7.50
N LEU A 44 -0.15 -19.42 -6.22
CA LEU A 44 0.98 -18.61 -5.76
C LEU A 44 2.00 -19.48 -5.03
N PRO A 45 3.22 -18.95 -4.83
CA PRO A 45 4.30 -19.67 -4.14
C PRO A 45 4.00 -20.33 -2.80
N ASN A 46 3.32 -19.63 -1.91
CA ASN A 46 3.03 -20.19 -0.60
C ASN A 46 1.58 -20.61 -0.41
N GLY A 47 1.32 -21.32 0.68
CA GLY A 47 -0.03 -21.80 0.92
C GLY A 47 -0.31 -22.89 -0.09
N GLU A 48 -1.58 -23.16 -0.35
CA GLU A 48 -1.94 -24.18 -1.33
C GLU A 48 -3.35 -24.00 -1.86
N GLY A 49 -3.56 -24.39 -3.11
CA GLY A 49 -4.86 -24.24 -3.74
C GLY A 49 -4.74 -23.46 -5.04
N TRP A 50 -5.83 -22.86 -5.49
CA TRP A 50 -5.79 -22.11 -6.75
C TRP A 50 -6.61 -20.83 -6.86
N ALA A 51 -7.04 -20.27 -5.73
CA ALA A 51 -7.83 -19.04 -5.67
C ALA A 51 -8.26 -18.35 -6.98
N TRP A 52 -9.47 -17.80 -6.97
CA TRP A 52 -9.99 -17.07 -8.13
C TRP A 52 -9.32 -15.71 -8.15
N LEU A 53 -9.28 -15.08 -9.32
CA LEU A 53 -8.68 -13.77 -9.45
C LEU A 53 -9.58 -12.89 -10.31
N VAL A 54 -9.99 -11.75 -9.77
CA VAL A 54 -10.83 -10.81 -10.50
C VAL A 54 -9.91 -9.66 -10.93
N THR A 55 -10.03 -9.20 -12.18
CA THR A 55 -9.16 -8.14 -12.67
C THR A 55 -9.78 -6.87 -13.24
N ARG A 56 -11.07 -6.91 -13.59
CA ARG A 56 -11.69 -5.71 -14.16
C ARG A 56 -12.16 -4.75 -13.08
N HIS A 57 -12.12 -3.46 -13.40
CA HIS A 57 -12.51 -2.40 -12.46
C HIS A 57 -13.85 -2.60 -11.77
N ASP A 58 -14.89 -2.91 -12.53
CA ASP A 58 -16.21 -3.10 -11.95
C ASP A 58 -16.32 -4.33 -11.05
N ASP A 59 -15.72 -5.44 -11.45
CA ASP A 59 -15.79 -6.66 -10.64
C ASP A 59 -14.96 -6.55 -9.37
N VAL A 60 -13.84 -5.82 -9.44
CA VAL A 60 -12.99 -5.63 -8.27
C VAL A 60 -13.75 -4.83 -7.22
N ARG A 61 -14.51 -3.84 -7.67
N ARG A 61 -14.51 -3.84 -7.67
CA ARG A 61 -15.30 -3.03 -6.75
CA ARG A 61 -15.30 -3.03 -6.75
C ARG A 61 -16.40 -3.89 -6.14
C ARG A 61 -16.40 -3.89 -6.14
N LEU A 62 -16.95 -4.81 -6.93
CA LEU A 62 -18.01 -5.68 -6.46
C LEU A 62 -17.51 -6.61 -5.35
N VAL A 63 -16.46 -7.36 -5.64
CA VAL A 63 -15.89 -8.31 -4.68
C VAL A 63 -15.43 -7.65 -3.37
N THR A 64 -14.81 -6.48 -3.48
CA THR A 64 -14.31 -5.81 -2.29
C THR A 64 -15.38 -5.04 -1.52
N ASN A 65 -16.55 -4.85 -2.12
CA ASN A 65 -17.61 -4.10 -1.46
C ASN A 65 -18.88 -4.89 -1.23
N ASP A 66 -18.80 -6.21 -1.35
CA ASP A 66 -19.98 -7.05 -1.16
C ASP A 66 -19.84 -7.96 0.06
N PRO A 67 -20.84 -7.94 0.95
CA PRO A 67 -20.87 -8.73 2.19
C PRO A 67 -20.73 -10.25 2.00
N ARG A 68 -20.92 -10.71 0.76
CA ARG A 68 -20.83 -12.13 0.44
C ARG A 68 -19.38 -12.64 0.34
N PHE A 69 -18.42 -11.74 0.53
CA PHE A 69 -17.01 -12.11 0.48
C PHE A 69 -16.38 -11.63 1.79
N GLY A 70 -15.83 -12.56 2.56
CA GLY A 70 -15.24 -12.20 3.85
C GLY A 70 -13.76 -12.45 4.05
N ARG A 71 -13.21 -11.77 5.05
CA ARG A 71 -11.80 -11.87 5.41
C ARG A 71 -11.58 -12.77 6.62
N GLU A 72 -12.57 -12.75 7.52
CA GLU A 72 -12.55 -13.54 8.75
C GLU A 72 -12.22 -15.01 8.49
N ALA A 73 -12.88 -15.59 7.48
CA ALA A 73 -12.70 -17.00 7.12
C ALA A 73 -11.35 -17.33 6.47
N VAL A 74 -10.64 -16.32 5.99
CA VAL A 74 -9.36 -16.56 5.36
C VAL A 74 -8.38 -17.22 6.33
N MET A 75 -8.54 -16.91 7.62
CA MET A 75 -7.69 -17.48 8.65
C MET A 75 -7.86 -18.99 8.75
N ASP A 76 -9.04 -19.49 8.38
CA ASP A 76 -9.34 -20.92 8.44
C ASP A 76 -8.32 -21.78 7.70
N ARG A 77 -8.57 -22.04 6.43
CA ARG A 77 -7.68 -22.85 5.60
C ARG A 77 -6.43 -22.04 5.25
N GLN A 78 -5.51 -22.64 4.53
CA GLN A 78 -4.28 -21.96 4.13
C GLN A 78 -4.31 -21.57 2.66
N VAL A 79 -5.04 -20.50 2.37
CA VAL A 79 -5.18 -19.99 1.02
C VAL A 79 -3.82 -19.76 0.36
N THR A 80 -3.76 -19.99 -0.94
CA THR A 80 -2.51 -19.78 -1.68
C THR A 80 -2.18 -18.30 -1.65
N ARG A 81 -0.93 -17.97 -1.35
CA ARG A 81 -0.52 -16.58 -1.29
C ARG A 81 0.96 -16.32 -1.57
N LEU A 82 1.31 -15.05 -1.68
CA LEU A 82 2.68 -14.66 -1.97
C LEU A 82 3.58 -14.79 -0.73
N ALA A 83 3.12 -14.24 0.39
CA ALA A 83 3.88 -14.30 1.64
C ALA A 83 3.73 -15.64 2.38
N PRO A 84 4.85 -16.22 2.84
CA PRO A 84 4.70 -17.49 3.56
C PRO A 84 3.81 -17.34 4.77
N HIS A 85 3.76 -16.13 5.33
CA HIS A 85 2.94 -15.85 6.51
C HIS A 85 1.80 -14.91 6.13
N PHE A 86 0.89 -14.71 7.09
CA PHE A 86 -0.21 -13.79 6.90
C PHE A 86 0.27 -12.54 7.63
N ILE A 87 0.08 -11.38 7.01
CA ILE A 87 0.54 -10.13 7.63
C ILE A 87 -0.29 -9.64 8.82
N PRO A 88 -1.62 -9.58 8.68
CA PRO A 88 -2.44 -9.11 9.81
C PRO A 88 -2.60 -10.13 10.95
N ALA A 89 -2.77 -9.62 12.16
CA ALA A 89 -2.94 -10.47 13.34
C ALA A 89 -4.36 -11.03 13.33
N ARG A 90 -4.56 -12.11 14.06
CA ARG A 90 -5.85 -12.80 14.12
C ARG A 90 -7.09 -11.95 14.44
N GLY A 91 -6.90 -10.66 14.75
CA GLY A 91 -8.03 -9.80 15.06
C GLY A 91 -7.88 -8.39 14.49
N ALA A 92 -6.87 -8.21 13.65
CA ALA A 92 -6.60 -6.91 13.02
C ALA A 92 -7.68 -6.63 11.97
N VAL A 93 -7.87 -5.35 11.62
CA VAL A 93 -8.89 -4.99 10.63
C VAL A 93 -8.78 -5.77 9.33
N GLY A 94 -7.56 -6.15 8.95
CA GLY A 94 -7.39 -6.89 7.71
C GLY A 94 -8.17 -8.21 7.72
N PHE A 95 -8.36 -8.78 8.90
CA PHE A 95 -9.06 -10.04 9.06
C PHE A 95 -10.42 -9.89 9.74
N LEU A 96 -10.98 -8.69 9.68
CA LEU A 96 -12.29 -8.44 10.28
C LEU A 96 -13.30 -8.12 9.19
N ASP A 97 -14.54 -8.53 9.41
CA ASP A 97 -15.62 -8.28 8.48
C ASP A 97 -16.56 -7.25 9.06
N PRO A 98 -17.25 -6.48 8.19
CA PRO A 98 -18.21 -5.41 8.49
C PRO A 98 -18.68 -5.25 9.93
N PRO A 99 -19.38 -6.25 10.49
CA PRO A 99 -19.81 -6.04 11.88
C PRO A 99 -18.68 -5.44 12.73
N ASP A 100 -17.74 -6.28 13.12
CA ASP A 100 -16.61 -5.84 13.92
C ASP A 100 -15.72 -4.82 13.18
N HIS A 101 -15.49 -5.08 11.90
CA HIS A 101 -14.63 -4.20 11.11
C HIS A 101 -15.06 -2.74 11.14
N THR A 102 -16.37 -2.53 11.06
CA THR A 102 -16.93 -1.19 11.06
C THR A 102 -16.64 -0.40 12.34
N ARG A 103 -16.87 -1.00 13.51
CA ARG A 103 -16.61 -0.22 14.70
C ARG A 103 -15.11 -0.01 14.90
N LEU A 104 -14.28 -0.89 14.35
CA LEU A 104 -12.86 -0.68 14.52
C LEU A 104 -12.40 0.51 13.69
N ARG A 105 -12.80 0.57 12.43
CA ARG A 105 -12.40 1.67 11.56
C ARG A 105 -12.96 2.99 12.05
N ARG A 106 -14.13 2.95 12.68
CA ARG A 106 -14.79 4.14 13.20
C ARG A 106 -13.96 4.79 14.32
N SER A 107 -13.20 3.96 15.04
CA SER A 107 -12.40 4.45 16.16
C SER A 107 -11.26 5.41 15.83
N VAL A 108 -10.78 5.38 14.59
CA VAL A 108 -9.68 6.28 14.20
C VAL A 108 -9.96 7.03 12.90
N ALA A 109 -11.14 6.81 12.33
CA ALA A 109 -11.50 7.45 11.08
C ALA A 109 -11.27 8.95 11.00
N ALA A 110 -11.61 9.68 12.07
CA ALA A 110 -11.45 11.13 12.05
C ALA A 110 -10.01 11.61 11.91
N ALA A 111 -9.05 10.75 12.24
CA ALA A 111 -7.64 11.12 12.14
C ALA A 111 -7.09 10.99 10.72
N PHE A 112 -7.81 10.26 9.87
CA PHE A 112 -7.36 10.01 8.50
C PHE A 112 -8.11 10.62 7.33
N THR A 113 -9.11 11.45 7.62
CA THR A 113 -9.85 12.10 6.54
C THR A 113 -8.96 13.20 5.98
N ALA A 114 -9.38 13.76 4.85
CA ALA A 114 -8.63 14.83 4.21
C ALA A 114 -8.45 15.95 5.23
N ARG A 115 -9.52 16.30 5.94
CA ARG A 115 -9.45 17.34 6.95
C ARG A 115 -8.54 16.93 8.09
N GLY A 116 -8.65 15.67 8.50
CA GLY A 116 -7.84 15.17 9.59
C GLY A 116 -6.35 15.20 9.33
N VAL A 117 -5.91 14.68 8.19
CA VAL A 117 -4.49 14.66 7.91
C VAL A 117 -3.93 16.03 7.57
N GLU A 118 -4.78 16.95 7.10
CA GLU A 118 -4.28 18.28 6.77
C GLU A 118 -3.73 18.94 8.05
N ARG A 119 -4.19 18.46 9.20
CA ARG A 119 -3.74 19.00 10.48
C ARG A 119 -2.24 18.77 10.73
N VAL A 120 -1.65 17.79 10.06
CA VAL A 120 -0.23 17.50 10.26
C VAL A 120 0.62 18.00 9.10
N ARG A 121 -0.04 18.67 8.16
CA ARG A 121 0.58 19.21 6.96
C ARG A 121 1.82 20.09 7.21
N GLU A 122 1.62 21.20 7.92
CA GLU A 122 2.73 22.09 8.17
C GLU A 122 3.84 21.44 9.01
N ARG A 123 3.46 20.65 10.00
CA ARG A 123 4.42 19.98 10.87
C ARG A 123 5.31 19.05 10.05
N SER A 124 4.68 18.33 9.13
CA SER A 124 5.40 17.38 8.27
C SER A 124 6.30 18.11 7.28
N ARG A 125 5.83 19.25 6.80
CA ARG A 125 6.59 20.06 5.85
C ARG A 125 7.92 20.48 6.48
N GLY A 126 7.85 20.90 7.74
CA GLY A 126 9.07 21.31 8.43
C GLY A 126 9.99 20.12 8.61
N MET A 127 9.39 18.98 8.92
CA MET A 127 10.13 17.73 9.12
C MET A 127 10.83 17.33 7.83
N LEU A 128 10.16 17.51 6.70
CA LEU A 128 10.74 17.16 5.40
C LEU A 128 11.85 18.13 5.01
N ASP A 129 11.69 19.41 5.32
CA ASP A 129 12.72 20.39 4.99
C ASP A 129 14.02 20.08 5.74
N GLU A 130 13.89 19.60 6.96
CA GLU A 130 15.06 19.25 7.78
C GLU A 130 15.83 18.11 7.12
N LEU A 131 15.11 17.13 6.60
CA LEU A 131 15.74 16.00 5.94
C LEU A 131 16.39 16.44 4.63
N VAL A 132 15.68 17.25 3.84
CA VAL A 132 16.24 17.73 2.58
C VAL A 132 17.46 18.62 2.84
N ASP A 133 17.36 19.48 3.85
CA ASP A 133 18.47 20.37 4.20
C ASP A 133 19.70 19.55 4.57
N ALA A 134 19.50 18.50 5.37
CA ALA A 134 20.62 17.64 5.78
C ALA A 134 21.27 16.99 4.56
N MET A 135 20.48 16.64 3.56
CA MET A 135 21.00 16.02 2.36
C MET A 135 21.79 17.07 1.57
N LEU A 136 21.23 18.28 1.48
CA LEU A 136 21.89 19.37 0.77
C LEU A 136 23.24 19.69 1.43
N ARG A 137 23.35 19.43 2.72
CA ARG A 137 24.60 19.69 3.45
C ARG A 137 25.64 18.61 3.16
N ALA A 138 25.20 17.34 3.16
CA ALA A 138 26.11 16.23 2.90
C ALA A 138 26.84 16.46 1.57
N GLY A 139 26.13 16.29 0.46
CA GLY A 139 26.75 16.50 -0.83
C GLY A 139 26.05 15.80 -1.97
N PRO A 140 25.97 16.45 -3.14
CA PRO A 140 25.32 15.93 -4.36
C PRO A 140 25.16 14.42 -4.43
N PRO A 141 26.27 13.66 -4.39
CA PRO A 141 26.08 12.22 -4.47
C PRO A 141 25.24 11.79 -3.25
N ALA A 142 24.00 11.38 -3.48
CA ALA A 142 23.14 10.95 -2.39
C ALA A 142 22.15 9.86 -2.79
N ASP A 143 21.67 9.11 -1.80
CA ASP A 143 20.70 8.05 -2.03
C ASP A 143 19.35 8.68 -1.66
N LEU A 144 18.58 9.05 -2.67
CA LEU A 144 17.28 9.69 -2.45
C LEU A 144 16.21 8.67 -2.07
N THR A 145 16.48 7.96 -1.00
CA THR A 145 15.57 6.97 -0.43
C THR A 145 16.03 6.85 1.01
N GLU A 146 17.34 6.64 1.20
CA GLU A 146 17.86 6.53 2.55
C GLU A 146 17.90 7.90 3.21
N ALA A 147 18.08 8.93 2.40
CA ALA A 147 18.18 10.31 2.89
C ALA A 147 16.83 10.99 3.12
N VAL A 148 15.85 10.66 2.28
CA VAL A 148 14.56 11.32 2.37
C VAL A 148 13.31 10.45 2.29
N LEU A 149 13.21 9.65 1.24
CA LEU A 149 12.02 8.83 1.03
C LEU A 149 11.71 7.81 2.11
N SER A 150 12.73 7.33 2.82
CA SER A 150 12.48 6.37 3.88
C SER A 150 12.25 7.08 5.21
N PRO A 151 13.15 8.00 5.62
CA PRO A 151 12.98 8.71 6.89
C PRO A 151 11.73 9.58 7.04
N PHE A 152 11.29 10.22 5.97
CA PHE A 152 10.12 11.09 6.05
C PHE A 152 8.83 10.35 6.37
N PRO A 153 8.45 9.35 5.56
CA PRO A 153 7.21 8.62 5.89
C PRO A 153 7.26 7.97 7.27
N ILE A 154 8.43 7.49 7.68
CA ILE A 154 8.56 6.87 9.00
C ILE A 154 8.28 7.90 10.09
N ALA A 155 8.81 9.10 9.93
CA ALA A 155 8.60 10.14 10.93
C ALA A 155 7.15 10.57 10.98
N VAL A 156 6.53 10.69 9.80
CA VAL A 156 5.13 11.11 9.72
C VAL A 156 4.19 10.12 10.37
N ILE A 157 4.36 8.83 10.09
CA ILE A 157 3.46 7.85 10.70
C ILE A 157 3.76 7.67 12.19
N CYS A 158 5.02 7.78 12.59
CA CYS A 158 5.34 7.64 13.99
C CYS A 158 4.76 8.79 14.78
N GLU A 159 4.90 10.01 14.27
CA GLU A 159 4.35 11.17 14.96
C GLU A 159 2.82 11.08 15.06
N LEU A 160 2.16 10.63 13.99
CA LEU A 160 0.71 10.50 14.00
C LEU A 160 0.26 9.38 14.92
N MET A 161 1.05 8.31 15.03
CA MET A 161 0.68 7.20 15.89
C MET A 161 0.98 7.40 17.36
N GLY A 162 1.92 8.29 17.65
CA GLY A 162 2.27 8.53 19.04
C GLY A 162 3.51 7.73 19.43
N VAL A 163 4.25 7.27 18.43
CA VAL A 163 5.48 6.52 18.65
C VAL A 163 6.63 7.49 18.87
N PRO A 164 7.36 7.35 19.98
CA PRO A 164 8.49 8.24 20.28
C PRO A 164 9.56 8.17 19.18
N ALA A 165 10.20 9.30 18.91
CA ALA A 165 11.24 9.36 17.88
C ALA A 165 12.36 8.37 18.11
N THR A 166 12.63 8.06 19.38
CA THR A 166 13.69 7.11 19.71
C THR A 166 13.35 5.68 19.32
N ASP A 167 12.08 5.42 19.01
CA ASP A 167 11.64 4.09 18.63
C ASP A 167 11.40 3.92 17.13
N ARG A 168 11.65 4.96 16.36
CA ARG A 168 11.42 4.89 14.92
C ARG A 168 12.22 3.77 14.24
N HIS A 169 13.48 3.60 14.66
CA HIS A 169 14.32 2.55 14.07
C HIS A 169 13.73 1.16 14.26
N SER A 170 13.07 0.94 15.40
CA SER A 170 12.46 -0.37 15.69
C SER A 170 11.30 -0.62 14.76
N MET A 171 10.50 0.42 14.56
CA MET A 171 9.35 0.31 13.68
C MET A 171 9.78 -0.07 12.27
N HIS A 172 10.81 0.62 11.78
CA HIS A 172 11.32 0.35 10.43
C HIS A 172 11.90 -1.07 10.35
N THR A 173 12.65 -1.45 11.36
CA THR A 173 13.23 -2.78 11.36
C THR A 173 12.15 -3.85 11.28
N TRP A 174 11.15 -3.77 12.16
CA TRP A 174 10.08 -4.75 12.17
C TRP A 174 9.25 -4.73 10.89
N THR A 175 8.86 -3.55 10.44
CA THR A 175 8.04 -3.43 9.24
C THR A 175 8.71 -4.10 8.03
N GLN A 176 10.00 -3.83 7.83
CA GLN A 176 10.67 -4.42 6.69
C GLN A 176 10.89 -5.93 6.84
N LEU A 177 10.91 -6.44 8.06
CA LEU A 177 11.08 -7.87 8.27
C LEU A 177 9.74 -8.55 7.94
N ILE A 178 8.64 -7.88 8.26
CA ILE A 178 7.30 -8.40 8.00
C ILE A 178 6.93 -8.30 6.52
N LEU A 179 7.24 -7.17 5.90
CA LEU A 179 6.97 -6.97 4.49
C LEU A 179 8.22 -7.36 3.71
N SER A 180 9.11 -8.12 4.36
CA SER A 180 10.36 -8.56 3.74
C SER A 180 10.01 -9.59 2.71
N SER A 181 9.01 -9.27 1.91
CA SER A 181 8.55 -10.17 0.87
C SER A 181 8.21 -11.46 1.53
N SER A 182 8.24 -11.43 2.87
CA SER A 182 7.91 -12.58 3.66
C SER A 182 8.75 -13.82 3.32
N HIS A 183 8.95 -14.06 2.03
CA HIS A 183 9.75 -15.20 1.57
C HIS A 183 11.20 -14.83 1.81
N GLY A 184 11.40 -13.67 2.42
CA GLY A 184 12.74 -13.22 2.76
C GLY A 184 13.14 -13.99 4.00
N ALA A 185 12.30 -14.97 4.34
CA ALA A 185 12.49 -15.86 5.49
C ALA A 185 11.13 -16.33 5.97
N GLU A 186 10.69 -15.69 7.04
CA GLU A 186 9.43 -15.96 7.71
C GLU A 186 9.62 -15.41 9.11
N VAL A 187 10.87 -15.00 9.39
CA VAL A 187 11.27 -14.39 10.64
C VAL A 187 10.22 -13.31 10.93
N SER A 188 9.34 -13.16 9.96
CA SER A 188 8.24 -12.22 9.96
C SER A 188 7.25 -12.42 11.10
N GLU A 189 7.05 -13.67 11.53
CA GLU A 189 6.11 -13.95 12.63
C GLU A 189 6.64 -13.40 13.94
N ARG A 190 7.92 -13.58 14.20
CA ARG A 190 8.51 -13.07 15.44
C ARG A 190 8.46 -11.55 15.42
N ALA A 191 8.70 -10.96 14.25
CA ALA A 191 8.68 -9.52 14.09
C ALA A 191 7.27 -9.01 14.33
N LYS A 192 6.27 -9.74 13.83
CA LYS A 192 4.88 -9.36 14.05
C LYS A 192 4.58 -9.35 15.55
N ASN A 193 4.98 -10.43 16.23
CA ASN A 193 4.77 -10.56 17.67
C ASN A 193 5.43 -9.44 18.46
N GLU A 194 6.65 -9.07 18.07
CA GLU A 194 7.35 -8.01 18.78
C GLU A 194 6.66 -6.67 18.60
N MET A 195 6.13 -6.44 17.39
CA MET A 195 5.43 -5.21 17.10
C MET A 195 4.10 -5.23 17.82
N ASN A 196 3.48 -6.41 17.90
CA ASN A 196 2.20 -6.60 18.59
C ASN A 196 2.34 -6.39 20.09
N ALA A 197 3.56 -6.53 20.60
CA ALA A 197 3.82 -6.34 22.01
C ALA A 197 4.13 -4.86 22.25
N TYR A 198 4.82 -4.25 21.30
CA TYR A 198 5.18 -2.84 21.41
C TYR A 198 3.92 -1.98 21.47
N PHE A 199 2.98 -2.21 20.56
CA PHE A 199 1.77 -1.41 20.58
C PHE A 199 0.84 -1.72 21.74
N SER A 200 0.93 -2.94 22.28
CA SER A 200 0.11 -3.28 23.42
C SER A 200 0.58 -2.39 24.56
N ASP A 201 1.91 -2.33 24.74
CA ASP A 201 2.51 -1.50 25.79
C ASP A 201 2.17 -0.03 25.60
N LEU A 202 2.34 0.49 24.37
CA LEU A 202 2.09 1.90 24.10
C LEU A 202 0.64 2.28 24.31
N ILE A 203 -0.28 1.46 23.81
CA ILE A 203 -1.69 1.74 23.97
C ILE A 203 -2.07 1.69 25.45
N GLY A 204 -1.58 0.67 26.14
CA GLY A 204 -1.88 0.55 27.55
C GLY A 204 -1.09 1.56 28.36
N LEU A 205 0.22 1.55 28.18
CA LEU A 205 1.12 2.46 28.88
C LEU A 205 1.05 3.87 28.30
N ARG A 206 0.64 4.82 29.14
CA ARG A 206 0.55 6.23 28.75
C ARG A 206 -0.70 6.60 27.94
N SER A 207 -0.97 5.83 26.90
CA SER A 207 -2.13 6.09 26.05
C SER A 207 -3.46 5.92 26.78
N ASP A 208 -3.42 5.92 28.10
CA ASP A 208 -4.64 5.77 28.89
C ASP A 208 -5.08 7.15 29.37
N SER A 209 -4.75 8.17 28.56
CA SER A 209 -5.09 9.55 28.85
C SER A 209 -5.73 10.23 27.63
N ALA A 210 -5.35 11.49 27.38
CA ALA A 210 -5.90 12.24 26.26
C ALA A 210 -4.85 12.85 25.36
N GLY A 211 -4.71 12.28 24.17
CA GLY A 211 -3.75 12.79 23.21
C GLY A 211 -4.41 12.81 21.85
N GLU A 212 -3.85 13.59 20.93
CA GLU A 212 -4.38 13.69 19.58
C GLU A 212 -3.87 12.53 18.72
N ASP A 213 -2.78 11.91 19.16
CA ASP A 213 -2.17 10.82 18.43
C ASP A 213 -3.08 9.59 18.40
N VAL A 214 -2.89 8.76 17.38
CA VAL A 214 -3.72 7.58 17.22
C VAL A 214 -3.68 6.57 18.35
N THR A 215 -2.52 6.34 18.96
CA THR A 215 -2.51 5.35 20.04
C THR A 215 -3.27 5.85 21.25
N SER A 216 -3.31 7.16 21.45
CA SER A 216 -4.05 7.72 22.57
C SER A 216 -5.55 7.51 22.27
N LEU A 217 -5.95 7.80 21.03
CA LEU A 217 -7.35 7.63 20.62
C LEU A 217 -7.76 6.18 20.81
N LEU A 218 -6.88 5.26 20.43
CA LEU A 218 -7.20 3.84 20.57
C LEU A 218 -7.29 3.46 22.02
N GLY A 219 -6.36 3.97 22.83
CA GLY A 219 -6.36 3.67 24.25
C GLY A 219 -7.66 4.14 24.89
N ALA A 220 -8.15 5.30 24.46
CA ALA A 220 -9.39 5.85 24.98
C ALA A 220 -10.56 4.95 24.61
N ALA A 221 -10.60 4.52 23.36
CA ALA A 221 -11.67 3.64 22.91
C ALA A 221 -11.66 2.33 23.70
N VAL A 222 -10.47 1.79 23.95
CA VAL A 222 -10.34 0.56 24.71
C VAL A 222 -10.84 0.78 26.14
N GLY A 223 -10.47 1.92 26.72
CA GLY A 223 -10.91 2.25 28.06
C GLY A 223 -12.42 2.39 28.17
N ARG A 224 -13.05 2.83 27.08
CA ARG A 224 -14.50 3.02 27.05
C ARG A 224 -15.20 1.73 26.66
N ASP A 225 -14.44 0.65 26.47
CA ASP A 225 -14.99 -0.65 26.09
C ASP A 225 -15.63 -0.68 24.70
N GLU A 226 -15.18 0.21 23.82
CA GLU A 226 -15.71 0.28 22.46
C GLU A 226 -15.05 -0.76 21.57
N ILE A 227 -13.76 -0.99 21.79
CA ILE A 227 -13.00 -1.98 21.05
C ILE A 227 -12.13 -2.71 22.06
N THR A 228 -11.65 -3.90 21.71
CA THR A 228 -10.82 -4.63 22.65
C THR A 228 -9.36 -4.29 22.43
N LEU A 229 -8.51 -4.67 23.38
CA LEU A 229 -7.09 -4.47 23.16
C LEU A 229 -6.98 -5.61 22.16
N SER A 230 -5.89 -5.66 21.40
CA SER A 230 -5.77 -6.70 20.37
C SER A 230 -6.46 -6.14 19.14
N GLU A 231 -7.73 -5.75 19.25
CA GLU A 231 -8.37 -5.14 18.07
C GLU A 231 -7.63 -3.82 17.86
N ALA A 232 -7.42 -3.08 18.94
CA ALA A 232 -6.73 -1.80 18.85
C ALA A 232 -5.28 -2.03 18.40
N VAL A 233 -4.63 -3.03 19.00
CA VAL A 233 -3.25 -3.34 18.63
C VAL A 233 -3.15 -3.81 17.18
N GLY A 234 -4.06 -4.70 16.78
CA GLY A 234 -4.05 -5.20 15.41
C GLY A 234 -4.13 -4.07 14.40
N LEU A 235 -5.03 -3.11 14.67
CA LEU A 235 -5.20 -1.96 13.80
C LEU A 235 -3.97 -1.04 13.84
N ALA A 236 -3.43 -0.83 15.03
CA ALA A 236 -2.27 0.03 15.17
C ALA A 236 -1.08 -0.49 14.37
N VAL A 237 -0.87 -1.79 14.43
CA VAL A 237 0.24 -2.40 13.71
C VAL A 237 0.11 -2.27 12.21
N LEU A 238 -1.09 -2.52 11.68
CA LEU A 238 -1.32 -2.38 10.24
C LEU A 238 -1.13 -0.92 9.80
N LEU A 239 -1.53 0.04 10.64
CA LEU A 239 -1.35 1.45 10.32
C LEU A 239 0.15 1.77 10.30
N GLN A 240 0.87 1.25 11.29
CA GLN A 240 2.30 1.52 11.38
C GLN A 240 3.10 0.96 10.20
N ILE A 241 2.84 -0.28 9.80
N ILE A 241 2.84 -0.28 9.80
CA ILE A 241 3.57 -0.87 8.67
CA ILE A 241 3.57 -0.87 8.67
C ILE A 241 3.13 -0.21 7.37
C ILE A 241 3.13 -0.21 7.37
N GLY A 242 1.83 0.03 7.26
CA GLY A 242 1.32 0.66 6.05
C GLY A 242 1.89 2.04 5.82
N GLY A 243 2.23 2.74 6.90
CA GLY A 243 2.77 4.07 6.78
C GLY A 243 4.04 4.15 5.95
N GLU A 244 4.81 3.07 5.91
CA GLU A 244 6.04 3.08 5.13
C GLU A 244 5.80 2.79 3.65
N ALA A 245 4.55 2.54 3.27
CA ALA A 245 4.24 2.27 1.87
C ALA A 245 4.58 3.46 0.98
N VAL A 246 4.55 4.66 1.55
CA VAL A 246 4.87 5.88 0.81
C VAL A 246 6.33 5.90 0.36
N THR A 247 7.20 5.24 1.13
CA THR A 247 8.62 5.19 0.78
C THR A 247 8.78 4.51 -0.58
N ASN A 248 8.21 3.31 -0.68
CA ASN A 248 8.28 2.51 -1.89
C ASN A 248 7.63 3.22 -3.07
N ASN A 249 6.40 3.66 -2.87
CA ASN A 249 5.62 4.31 -3.91
C ASN A 249 6.22 5.62 -4.43
N SER A 250 6.64 6.51 -3.52
CA SER A 250 7.25 7.77 -3.93
C SER A 250 8.59 7.48 -4.61
N GLY A 251 9.23 6.38 -4.23
CA GLY A 251 10.49 6.01 -4.86
C GLY A 251 10.20 5.71 -6.33
N GLN A 252 9.12 4.97 -6.57
CA GLN A 252 8.74 4.65 -7.95
C GLN A 252 8.31 5.92 -8.66
N MET A 253 7.62 6.79 -7.92
CA MET A 253 7.13 8.04 -8.45
C MET A 253 8.29 8.89 -8.97
N PHE A 254 9.34 9.03 -8.17
CA PHE A 254 10.50 9.82 -8.59
C PHE A 254 11.35 9.14 -9.66
N HIS A 255 11.38 7.81 -9.65
CA HIS A 255 12.15 7.10 -10.67
C HIS A 255 11.49 7.40 -12.02
N LEU A 256 10.16 7.34 -12.04
CA LEU A 256 9.39 7.62 -13.25
C LEU A 256 9.63 9.06 -13.71
N LEU A 257 9.31 10.01 -12.84
CA LEU A 257 9.48 11.43 -13.14
C LEU A 257 10.87 11.76 -13.68
N LEU A 258 11.91 11.21 -13.05
CA LEU A 258 13.29 11.44 -13.46
C LEU A 258 13.66 10.64 -14.70
N SER A 259 12.71 9.89 -15.25
CA SER A 259 12.94 9.10 -16.44
C SER A 259 12.24 9.72 -17.62
N ARG A 260 11.34 10.67 -17.33
CA ARG A 260 10.59 11.35 -18.37
C ARG A 260 10.68 12.86 -18.15
N PRO A 261 11.62 13.52 -18.84
CA PRO A 261 11.82 14.97 -18.75
C PRO A 261 10.55 15.76 -18.99
N GLU A 262 9.70 15.26 -19.87
CA GLU A 262 8.45 15.95 -20.19
C GLU A 262 7.52 16.03 -18.98
N LEU A 263 7.38 14.91 -18.28
CA LEU A 263 6.52 14.86 -17.11
C LEU A 263 7.12 15.67 -15.97
N ALA A 264 8.42 15.55 -15.79
CA ALA A 264 9.10 16.25 -14.72
C ALA A 264 9.08 17.78 -14.84
N GLU A 265 9.30 18.31 -16.04
CA GLU A 265 9.29 19.76 -16.19
C GLU A 265 7.90 20.34 -15.96
N ARG A 266 6.89 19.60 -16.38
CA ARG A 266 5.54 20.08 -16.20
C ARG A 266 5.20 20.23 -14.73
N LEU A 267 5.69 19.31 -13.89
CA LEU A 267 5.41 19.41 -12.47
C LEU A 267 6.29 20.49 -11.85
N ARG A 268 7.49 20.65 -12.40
CA ARG A 268 8.40 21.67 -11.90
C ARG A 268 7.92 23.07 -12.23
N SER A 269 7.22 23.20 -13.36
CA SER A 269 6.75 24.50 -13.80
C SER A 269 5.32 24.83 -13.39
N GLU A 270 4.52 23.80 -13.11
CA GLU A 270 3.12 24.00 -12.72
C GLU A 270 2.78 23.37 -11.37
N PRO A 271 3.19 24.01 -10.27
CA PRO A 271 2.89 23.44 -8.95
C PRO A 271 1.41 23.14 -8.71
N GLU A 272 0.53 24.02 -9.19
CA GLU A 272 -0.90 23.80 -8.97
C GLU A 272 -1.50 22.53 -9.59
N ILE A 273 -0.80 21.90 -10.52
CA ILE A 273 -1.35 20.68 -11.12
C ILE A 273 -0.79 19.42 -10.44
N ARG A 274 0.11 19.63 -9.48
CA ARG A 274 0.72 18.52 -8.77
C ARG A 274 -0.25 17.57 -8.04
N PRO A 275 -1.30 18.09 -7.40
CA PRO A 275 -2.17 17.11 -6.73
C PRO A 275 -2.83 16.13 -7.72
N ARG A 276 -3.34 16.65 -8.83
CA ARG A 276 -3.97 15.81 -9.84
C ARG A 276 -2.94 14.89 -10.47
N ALA A 277 -1.76 15.43 -10.77
CA ALA A 277 -0.69 14.65 -11.38
C ALA A 277 -0.26 13.49 -10.49
N ILE A 278 -0.15 13.76 -9.20
CA ILE A 278 0.25 12.74 -8.25
C ILE A 278 -0.79 11.63 -8.18
N ASP A 279 -2.07 11.99 -8.26
CA ASP A 279 -3.13 11.00 -8.22
C ASP A 279 -3.07 10.09 -9.46
N GLU A 280 -2.67 10.63 -10.60
CA GLU A 280 -2.56 9.83 -11.83
C GLU A 280 -1.39 8.87 -11.65
N LEU A 281 -0.28 9.37 -11.11
CA LEU A 281 0.90 8.54 -10.89
C LEU A 281 0.51 7.41 -9.96
N LEU A 282 -0.23 7.73 -8.90
CA LEU A 282 -0.68 6.70 -7.97
C LEU A 282 -1.51 5.64 -8.71
N ARG A 283 -2.30 6.05 -9.69
CA ARG A 283 -3.09 5.09 -10.46
C ARG A 283 -2.20 4.13 -11.22
N TRP A 284 -1.20 4.70 -11.89
CA TRP A 284 -0.26 3.99 -12.76
C TRP A 284 0.81 3.11 -12.11
N ILE A 285 1.47 3.63 -11.09
CA ILE A 285 2.52 2.89 -10.42
C ILE A 285 2.06 1.52 -9.89
N PRO A 286 2.76 0.43 -10.28
CA PRO A 286 2.40 -0.92 -9.82
C PRO A 286 2.98 -1.08 -8.41
N HIS A 287 2.15 -0.71 -7.44
CA HIS A 287 2.51 -0.72 -6.01
C HIS A 287 3.04 -2.01 -5.40
N ARG A 288 2.48 -3.14 -5.80
CA ARG A 288 2.90 -4.41 -5.21
C ARG A 288 3.21 -5.50 -6.22
N ASN A 289 3.76 -6.59 -5.70
CA ASN A 289 4.06 -7.77 -6.49
C ASN A 289 2.81 -8.64 -6.36
N ALA A 290 2.33 -9.18 -7.48
CA ALA A 290 1.17 -10.05 -7.49
C ALA A 290 -0.06 -9.49 -6.75
N VAL A 291 -0.59 -10.27 -5.82
CA VAL A 291 -1.76 -9.86 -5.04
C VAL A 291 -1.50 -10.04 -3.54
N GLY A 292 -2.33 -9.40 -2.73
CA GLY A 292 -2.15 -9.44 -1.30
C GLY A 292 -2.95 -10.39 -0.43
N LEU A 293 -4.12 -9.95 0.01
CA LEU A 293 -4.94 -10.76 0.89
C LEU A 293 -6.31 -11.07 0.28
N SER A 294 -6.62 -12.35 0.16
CA SER A 294 -7.87 -12.78 -0.44
C SER A 294 -9.10 -12.62 0.45
N ARG A 295 -10.23 -12.98 -0.13
CA ARG A 295 -11.52 -12.98 0.54
C ARG A 295 -12.18 -14.33 0.24
N ILE A 296 -12.95 -14.85 1.17
CA ILE A 296 -13.63 -16.13 0.97
C ILE A 296 -15.10 -15.88 0.65
N ALA A 297 -15.63 -16.60 -0.34
CA ALA A 297 -17.03 -16.46 -0.70
C ALA A 297 -17.82 -17.12 0.44
N LEU A 298 -18.72 -16.36 1.05
CA LEU A 298 -19.52 -16.89 2.17
C LEU A 298 -20.76 -17.61 1.69
N GLU A 299 -21.01 -17.50 0.39
CA GLU A 299 -22.15 -18.14 -0.25
C GLU A 299 -21.86 -18.09 -1.74
N ASP A 300 -22.58 -18.88 -2.53
CA ASP A 300 -22.36 -18.91 -3.97
C ASP A 300 -22.62 -17.55 -4.62
N VAL A 301 -21.68 -17.10 -5.46
CA VAL A 301 -21.82 -15.83 -6.15
C VAL A 301 -21.35 -15.96 -7.59
N GLU A 302 -22.13 -15.41 -8.52
CA GLU A 302 -21.77 -15.46 -9.93
C GLU A 302 -21.11 -14.16 -10.37
N ILE A 303 -19.95 -14.27 -11.01
CA ILE A 303 -19.22 -13.10 -11.50
C ILE A 303 -18.90 -13.32 -12.97
N LYS A 304 -19.56 -12.54 -13.84
CA LYS A 304 -19.35 -12.64 -15.28
C LYS A 304 -19.52 -14.07 -15.79
N GLY A 305 -20.63 -14.71 -15.42
CA GLY A 305 -20.89 -16.06 -15.87
C GLY A 305 -20.09 -17.17 -15.20
N VAL A 306 -19.38 -16.84 -14.13
CA VAL A 306 -18.59 -17.85 -13.42
C VAL A 306 -19.12 -17.99 -12.00
N ARG A 307 -19.48 -19.21 -11.63
CA ARG A 307 -20.02 -19.45 -10.30
C ARG A 307 -18.90 -19.64 -9.28
N ILE A 308 -18.78 -18.69 -8.36
CA ILE A 308 -17.79 -18.78 -7.31
C ILE A 308 -18.48 -19.52 -6.18
N ARG A 309 -17.96 -20.70 -5.85
CA ARG A 309 -18.58 -21.51 -4.80
C ARG A 309 -18.23 -21.07 -3.39
N ALA A 310 -19.22 -21.17 -2.50
CA ALA A 310 -19.03 -20.81 -1.11
C ALA A 310 -17.81 -21.55 -0.63
N GLY A 311 -16.91 -20.84 0.03
CA GLY A 311 -15.71 -21.48 0.53
C GLY A 311 -14.49 -21.22 -0.34
N ASP A 312 -14.71 -20.84 -1.60
CA ASP A 312 -13.61 -20.57 -2.52
C ASP A 312 -12.92 -19.27 -2.14
N ALA A 313 -11.62 -19.17 -2.39
CA ALA A 313 -10.88 -17.95 -2.10
C ALA A 313 -10.90 -17.09 -3.35
N VAL A 314 -10.95 -15.77 -3.17
CA VAL A 314 -10.99 -14.86 -4.30
C VAL A 314 -10.08 -13.67 -4.06
N TYR A 315 -9.24 -13.39 -5.04
CA TYR A 315 -8.33 -12.24 -4.97
C TYR A 315 -8.80 -11.19 -5.95
N VAL A 316 -8.36 -9.96 -5.72
CA VAL A 316 -8.65 -8.87 -6.63
C VAL A 316 -7.30 -8.26 -6.91
N SER A 317 -7.12 -7.72 -8.10
CA SER A 317 -5.88 -7.06 -8.44
C SER A 317 -6.21 -5.60 -8.68
N TYR A 318 -5.82 -4.75 -7.73
CA TYR A 318 -6.09 -3.33 -7.87
C TYR A 318 -5.22 -2.78 -8.98
N LEU A 319 -4.05 -3.39 -9.18
CA LEU A 319 -3.15 -2.94 -10.24
C LEU A 319 -3.78 -3.21 -11.59
N ALA A 320 -4.41 -4.37 -11.73
CA ALA A 320 -5.05 -4.72 -12.98
C ALA A 320 -6.26 -3.82 -13.22
N ALA A 321 -7.03 -3.56 -12.17
CA ALA A 321 -8.21 -2.71 -12.29
C ALA A 321 -7.86 -1.29 -12.72
N ASN A 322 -6.68 -0.84 -12.33
CA ASN A 322 -6.24 0.51 -12.66
C ASN A 322 -5.82 0.63 -14.12
N ARG A 323 -5.72 -0.52 -14.79
CA ARG A 323 -5.34 -0.55 -16.21
C ARG A 323 -6.53 -1.03 -17.05
N ASP A 324 -7.74 -0.87 -16.52
CA ASP A 324 -8.95 -1.28 -17.23
C ASP A 324 -9.21 -0.33 -18.39
N PRO A 325 -9.11 -0.82 -19.63
CA PRO A 325 -9.32 -0.03 -20.84
C PRO A 325 -10.66 0.72 -20.87
N GLU A 326 -11.68 0.06 -20.35
CA GLU A 326 -13.03 0.63 -20.32
C GLU A 326 -13.14 1.84 -19.41
N VAL A 327 -12.48 1.79 -18.27
CA VAL A 327 -12.54 2.89 -17.32
C VAL A 327 -11.44 3.91 -17.56
N PHE A 328 -10.26 3.45 -17.97
CA PHE A 328 -9.13 4.34 -18.22
C PHE A 328 -8.61 4.17 -19.64
N PRO A 329 -9.27 4.82 -20.62
CA PRO A 329 -8.83 4.72 -22.02
C PRO A 329 -7.32 4.94 -22.13
N ASP A 330 -6.66 4.08 -22.89
CA ASP A 330 -5.20 4.16 -23.06
C ASP A 330 -4.57 4.06 -21.67
N PRO A 331 -4.88 2.97 -20.93
CA PRO A 331 -4.41 2.67 -19.58
C PRO A 331 -2.94 2.88 -19.25
N ASP A 332 -2.06 2.51 -20.17
CA ASP A 332 -0.63 2.62 -19.93
C ASP A 332 -0.05 4.03 -20.05
N ARG A 333 -0.87 4.98 -20.51
CA ARG A 333 -0.40 6.35 -20.65
C ARG A 333 -0.66 7.21 -19.41
N ILE A 334 0.37 7.94 -19.00
CA ILE A 334 0.27 8.81 -17.84
C ILE A 334 -0.27 10.14 -18.34
N ASP A 335 -1.51 10.44 -17.94
CA ASP A 335 -2.21 11.67 -18.32
C ASP A 335 -2.53 12.44 -17.05
N PHE A 336 -1.74 13.48 -16.76
CA PHE A 336 -1.92 14.29 -15.56
C PHE A 336 -3.30 14.93 -15.47
N GLU A 337 -3.94 15.10 -16.62
CA GLU A 337 -5.28 15.68 -16.63
C GLU A 337 -6.24 14.59 -16.15
N ARG A 338 -6.38 13.54 -16.97
CA ARG A 338 -7.24 12.40 -16.66
C ARG A 338 -8.65 12.82 -16.23
N SER A 339 -9.66 12.18 -16.81
CA SER A 339 -11.05 12.47 -16.50
C SER A 339 -11.32 12.34 -14.99
N PRO A 340 -12.44 11.71 -14.56
CA PRO A 340 -12.52 11.67 -13.10
C PRO A 340 -11.48 10.70 -12.56
N ASN A 341 -11.26 9.65 -13.34
CA ASN A 341 -10.30 8.59 -13.04
C ASN A 341 -10.33 8.12 -11.58
N PRO A 342 -11.25 7.21 -11.28
CA PRO A 342 -11.41 6.66 -9.94
C PRO A 342 -10.59 5.37 -9.87
N HIS A 343 -9.26 5.48 -9.82
CA HIS A 343 -8.44 4.27 -9.82
C HIS A 343 -8.88 3.24 -8.79
N VAL A 344 -8.01 2.92 -7.84
CA VAL A 344 -8.27 2.00 -6.73
C VAL A 344 -6.96 1.52 -6.15
N SER A 345 -5.91 2.33 -6.30
CA SER A 345 -4.61 1.97 -5.76
C SER A 345 -4.70 1.92 -4.24
N PHE A 346 -5.68 2.62 -3.69
CA PHE A 346 -5.89 2.62 -2.25
C PHE A 346 -7.01 1.65 -1.88
N GLY A 347 -7.28 0.70 -2.78
CA GLY A 347 -8.30 -0.31 -2.52
C GLY A 347 -9.74 0.16 -2.70
N PHE A 348 -10.68 -0.68 -2.26
CA PHE A 348 -12.09 -0.35 -2.38
C PHE A 348 -12.89 -1.13 -1.33
N GLY A 349 -14.09 -0.65 -1.05
CA GLY A 349 -14.95 -1.32 -0.08
C GLY A 349 -14.59 -0.96 1.35
N PRO A 350 -15.17 -1.66 2.34
CA PRO A 350 -14.85 -1.34 3.73
C PRO A 350 -13.38 -1.31 4.06
N HIS A 351 -12.59 -2.18 3.44
CA HIS A 351 -11.16 -2.23 3.71
C HIS A 351 -10.28 -1.21 2.99
N TYR A 352 -10.90 -0.26 2.30
CA TYR A 352 -10.12 0.75 1.58
C TYR A 352 -9.10 1.37 2.52
N CYS A 353 -7.96 1.73 1.97
CA CYS A 353 -6.88 2.29 2.76
C CYS A 353 -7.18 3.51 3.64
N PRO A 354 -7.04 3.36 4.96
CA PRO A 354 -7.31 4.49 5.83
C PRO A 354 -6.24 5.59 5.63
N GLY A 355 -5.07 5.19 5.15
CA GLY A 355 -3.99 6.15 4.93
C GLY A 355 -3.93 6.82 3.57
N GLY A 356 -4.96 6.64 2.74
CA GLY A 356 -4.96 7.23 1.40
C GLY A 356 -4.72 8.73 1.34
N MET A 357 -5.47 9.49 2.13
CA MET A 357 -5.30 10.92 2.15
C MET A 357 -3.93 11.32 2.71
N LEU A 358 -3.47 10.58 3.71
CA LEU A 358 -2.16 10.85 4.30
C LEU A 358 -1.06 10.56 3.28
N ALA A 359 -1.22 9.48 2.52
CA ALA A 359 -0.23 9.12 1.51
C ALA A 359 -0.15 10.20 0.43
N ARG A 360 -1.32 10.75 0.08
CA ARG A 360 -1.38 11.82 -0.93
C ARG A 360 -0.72 13.07 -0.39
N LEU A 361 -0.96 13.37 0.89
CA LEU A 361 -0.38 14.53 1.54
C LEU A 361 1.14 14.40 1.51
N GLU A 362 1.63 13.23 1.91
CA GLU A 362 3.08 12.99 1.92
C GLU A 362 3.69 13.09 0.53
N SER A 363 3.04 12.49 -0.45
CA SER A 363 3.54 12.53 -1.82
C SER A 363 3.59 13.97 -2.32
N GLU A 364 2.54 14.74 -2.04
CA GLU A 364 2.51 16.12 -2.46
C GLU A 364 3.67 16.92 -1.84
N LEU A 365 3.94 16.71 -0.56
CA LEU A 365 5.03 17.42 0.10
C LEU A 365 6.37 16.96 -0.45
N LEU A 366 6.51 15.67 -0.71
CA LEU A 366 7.77 15.16 -1.25
C LEU A 366 8.07 15.77 -2.61
N VAL A 367 7.06 15.82 -3.47
CA VAL A 367 7.24 16.40 -4.80
C VAL A 367 7.65 17.87 -4.69
N ASP A 368 6.96 18.63 -3.84
CA ASP A 368 7.29 20.04 -3.67
C ASP A 368 8.75 20.21 -3.26
N ALA A 369 9.17 19.45 -2.26
CA ALA A 369 10.54 19.55 -1.76
C ALA A 369 11.58 19.06 -2.76
N VAL A 370 11.34 17.89 -3.36
CA VAL A 370 12.28 17.32 -4.31
C VAL A 370 12.44 18.10 -5.62
N LEU A 371 11.35 18.70 -6.09
CA LEU A 371 11.41 19.47 -7.33
C LEU A 371 11.81 20.92 -7.11
N ASP A 372 11.29 21.55 -6.06
CA ASP A 372 11.66 22.93 -5.78
C ASP A 372 12.12 23.19 -4.34
N ARG A 373 13.31 22.69 -4.04
CA ARG A 373 13.97 22.84 -2.75
C ARG A 373 15.39 22.36 -3.06
N VAL A 374 15.46 21.39 -3.96
CA VAL A 374 16.72 20.82 -4.42
C VAL A 374 16.90 21.36 -5.85
N PRO A 375 18.04 22.02 -6.12
CA PRO A 375 18.35 22.59 -7.45
C PRO A 375 18.58 21.56 -8.55
N GLY A 376 17.57 21.38 -9.40
CA GLY A 376 17.67 20.45 -10.51
C GLY A 376 18.10 19.03 -10.19
N LEU A 377 17.43 18.40 -9.23
CA LEU A 377 17.78 17.04 -8.88
C LEU A 377 17.58 16.14 -10.10
N LYS A 378 18.42 15.12 -10.22
CA LYS A 378 18.38 14.19 -11.33
C LYS A 378 19.03 12.86 -10.95
N LEU A 379 18.59 11.78 -11.58
CA LEU A 379 19.14 10.45 -11.33
C LEU A 379 20.63 10.47 -11.65
N ALA A 380 21.41 9.76 -10.85
CA ALA A 380 22.86 9.73 -11.04
C ALA A 380 23.27 8.65 -12.03
N VAL A 381 22.29 7.83 -12.43
CA VAL A 381 22.54 6.75 -13.38
C VAL A 381 21.36 6.62 -14.32
N ALA A 382 21.48 5.75 -15.32
CA ALA A 382 20.41 5.52 -16.27
C ALA A 382 19.23 4.88 -15.55
N PRO A 383 18.00 5.19 -15.98
CA PRO A 383 16.80 4.62 -15.34
C PRO A 383 16.89 3.12 -15.14
N GLU A 384 17.39 2.43 -16.17
CA GLU A 384 17.51 0.98 -16.14
C GLU A 384 18.52 0.48 -15.10
N ASP A 385 19.45 1.36 -14.70
CA ASP A 385 20.46 0.97 -13.72
C ASP A 385 20.07 1.24 -12.27
N VAL A 386 18.84 1.69 -12.05
CA VAL A 386 18.37 1.94 -10.70
C VAL A 386 17.93 0.60 -10.13
N PRO A 387 18.52 0.21 -8.99
CA PRO A 387 18.20 -1.06 -8.34
C PRO A 387 16.85 -1.05 -7.61
N PHE A 388 16.00 -2.02 -7.90
CA PHE A 388 14.72 -2.14 -7.23
C PHE A 388 14.76 -3.34 -6.30
N LYS A 389 13.88 -3.35 -5.29
CA LYS A 389 13.87 -4.45 -4.33
C LYS A 389 13.49 -5.78 -4.97
N LYS A 390 14.38 -6.76 -4.87
CA LYS A 390 14.07 -8.06 -5.45
C LYS A 390 13.87 -9.09 -4.36
N GLY A 391 12.59 -9.25 -4.00
CA GLY A 391 12.18 -10.15 -2.96
C GLY A 391 11.35 -9.28 -2.03
N ALA A 392 10.27 -8.73 -2.56
CA ALA A 392 9.40 -7.85 -1.79
C ALA A 392 7.92 -8.05 -2.04
N LEU A 393 7.11 -7.41 -1.19
CA LEU A 393 5.66 -7.46 -1.31
C LEU A 393 5.23 -6.16 -1.97
N ILE A 394 5.80 -5.05 -1.49
CA ILE A 394 5.53 -3.72 -2.04
C ILE A 394 6.76 -3.36 -2.89
N ARG A 395 6.55 -3.15 -4.17
CA ARG A 395 7.64 -2.82 -5.09
C ARG A 395 8.21 -1.41 -4.92
N GLY A 396 9.50 -1.27 -5.22
CA GLY A 396 10.14 0.03 -5.09
C GLY A 396 11.65 -0.06 -5.20
N PRO A 397 12.34 1.09 -5.32
CA PRO A 397 13.80 1.14 -5.43
C PRO A 397 14.48 0.65 -4.15
N GLU A 398 15.60 -0.05 -4.31
CA GLU A 398 16.35 -0.51 -3.12
C GLU A 398 17.14 0.74 -2.73
N ALA A 399 17.49 1.52 -3.75
CA ALA A 399 18.23 2.76 -3.58
C ALA A 399 17.94 3.63 -4.79
N LEU A 400 17.95 4.94 -4.60
CA LEU A 400 17.68 5.87 -5.69
C LEU A 400 18.82 6.89 -5.76
N PRO A 401 19.88 6.56 -6.50
CA PRO A 401 21.06 7.42 -6.68
C PRO A 401 20.70 8.70 -7.40
N VAL A 402 21.05 9.83 -6.79
CA VAL A 402 20.74 11.12 -7.37
C VAL A 402 21.87 12.13 -7.18
N THR A 403 21.78 13.23 -7.92
CA THR A 403 22.73 14.32 -7.84
C THR A 403 21.88 15.53 -8.20
N TRP A 404 22.39 16.74 -8.01
CA TRP A 404 21.60 17.91 -8.37
C TRP A 404 22.32 18.97 -9.19
N ALA A 405 23.01 19.89 -8.53
CA ALA A 405 23.72 20.93 -9.25
C ALA A 405 24.51 21.83 -8.31
N ALA A 406 24.32 21.66 -7.00
CA ALA A 406 25.03 22.47 -6.03
C ALA A 406 26.54 22.43 -6.29
CHA HEM B . -4.90 -1.26 3.13
CHB HEM B . -2.63 0.78 -0.62
CHC HEM B . -0.47 3.89 2.34
CHD HEM B . -2.72 1.88 6.10
C1A HEM B . -4.50 -0.98 1.84
C2A HEM B . -4.86 -1.71 0.62
C3A HEM B . -4.24 -1.13 -0.40
C4A HEM B . -3.45 -0.05 0.11
CMA HEM B . -4.29 -1.56 -1.88
CAA HEM B . -5.79 -2.95 0.54
CBA HEM B . -7.29 -2.82 0.78
CGA HEM B . -7.90 -4.22 0.93
O1A HEM B . -8.56 -4.62 -0.07
O2A HEM B . -7.72 -4.86 1.97
C1B HEM B . -1.83 1.79 -0.16
C2B HEM B . -0.95 2.59 -0.99
C3B HEM B . -0.32 3.48 -0.14
C4B HEM B . -0.84 3.22 1.19
CMB HEM B . -0.79 2.42 -2.51
CAB HEM B . 0.74 4.57 -0.42
CBB HEM B . 0.67 5.33 -1.76
C1C HEM B . -0.92 3.64 3.63
C2C HEM B . -0.49 4.37 4.81
C3C HEM B . -1.10 3.83 5.86
C4C HEM B . -1.94 2.74 5.36
CMC HEM B . 0.52 5.57 4.75
CAC HEM B . -1.02 4.21 7.34
CBC HEM B . -1.88 5.41 7.74
C1D HEM B . -3.51 0.84 5.65
C2D HEM B . -4.31 -0.07 6.47
C3D HEM B . -4.93 -0.93 5.63
C4D HEM B . -4.50 -0.59 4.29
CMD HEM B . -4.40 -0.02 8.00
CAD HEM B . -5.89 -2.08 6.02
CBD HEM B . -7.36 -1.53 6.05
CGD HEM B . -8.41 -2.56 6.43
O1D HEM B . -8.24 -3.76 6.17
O2D HEM B . -9.44 -2.09 6.98
NA HEM B . -3.63 0.04 1.49
NB HEM B . -1.75 2.19 1.18
NC HEM B . -1.82 2.66 3.99
ND HEM B . -3.63 0.50 4.31
FE HEM B . -2.76 1.39 2.74
OAB FLV C . -4.88 -6.75 1.30
CAM FLV C . -4.10 -6.13 0.57
CAN FLV C . -3.30 -5.12 1.10
CAH FLV C . -3.40 -4.78 2.44
CAI FLV C . -2.63 -3.75 2.96
OAC FLV C . -2.76 -3.37 4.26
CAF FLV C . -1.76 -3.04 2.13
CAK FLV C . -1.66 -3.39 0.78
OAE FLV C . -0.82 -2.67 -0.02
CAO FLV C . -2.44 -4.42 0.26
CAL FLV C . -2.37 -4.74 -1.09
OAA FLV C . -1.60 -4.12 -1.84
CAG FLV C . -3.17 -5.74 -1.61
CAJ FLV C . -4.04 -6.45 -0.78
OAD FLV C . -4.84 -7.42 -1.29
OAB FLV D . 1.79 -6.92 1.10
CAM FLV D . 0.91 -7.43 1.81
CAN FLV D . 0.34 -6.72 2.86
CAH FLV D . 0.83 -5.45 3.19
CAI FLV D . 0.29 -4.76 4.27
OAC FLV D . 0.79 -3.54 4.60
CAF FLV D . -0.74 -5.32 5.01
CAK FLV D . -1.23 -6.58 4.68
OAE FLV D . -2.26 -7.09 5.40
CAO FLV D . -0.69 -7.29 3.60
CAL FLV D . -1.14 -8.57 3.30
OAA FLV D . -2.05 -9.08 3.94
CAG FLV D . -0.56 -9.28 2.25
CAJ FLV D . 0.47 -8.71 1.50
OAD FLV D . 1.04 -9.41 0.49
#